data_5KE8
#
_entry.id   5KE8
#
_cell.length_a   50.450
_cell.length_b   50.450
_cell.length_c   130.490
_cell.angle_alpha   90.00
_cell.angle_beta   90.00
_cell.angle_gamma   90.00
#
_symmetry.space_group_name_H-M   'P 43 21 2'
#
loop_
_entity.id
_entity.type
_entity.pdbx_description
1 polymer 'Krueppel-like factor 4'
2 polymer "DNA (5'-D(*GP*AP*GP*GP*(5CM)P*GP*TP*GP*GP*C)-3')"
3 polymer "DNA (5'-D(*GP*CP*CP*AP*(5CM)P*GP*CP*CP*TP*C)-3')"
4 non-polymer 'ZINC ION'
5 water water
#
loop_
_entity_poly.entity_id
_entity_poly.type
_entity_poly.pdbx_seq_one_letter_code
_entity_poly.pdbx_strand_id
1 'polypeptide(L)'
;GPLGSRTATHTCDYAGCGKTYTKSSHLKAHLRTHTGEKPYHCDWDGCGWKFARSDPLTRHYRKHTGHRPFQCQKCDRAFS
RSDHLALHMKRHF
;
A
2 'polydeoxyribonucleotide' (DG)(DA)(DG)(DG)(5CM)(DG)(DT)(DG)(DG)(DC) B
3 'polydeoxyribonucleotide' (DG)(DC)(DC)(DA)(5CM)(DG)(DC)(DC)(DT)(DC) C
#
loop_
_chem_comp.id
_chem_comp.type
_chem_comp.name
_chem_comp.formula
5CM DNA linking 5-METHYL-2'-DEOXY-CYTIDINE-5'-MONOPHOSPHATE 'C10 H16 N3 O7 P'
DA DNA linking 2'-DEOXYADENOSINE-5'-MONOPHOSPHATE 'C10 H14 N5 O6 P'
DC DNA linking 2'-DEOXYCYTIDINE-5'-MONOPHOSPHATE 'C9 H14 N3 O7 P'
DG DNA linking 2'-DEOXYGUANOSINE-5'-MONOPHOSPHATE 'C10 H14 N5 O7 P'
DT DNA linking THYMIDINE-5'-MONOPHOSPHATE 'C10 H15 N2 O8 P'
ZN non-polymer 'ZINC ION' 'Zn 2'
#
# COMPACT_ATOMS: atom_id res chain seq x y z
N THR A 9 14.25 17.88 -2.10
CA THR A 9 15.69 18.03 -1.97
C THR A 9 16.34 16.69 -1.68
N HIS A 10 15.64 15.84 -0.94
CA HIS A 10 16.14 14.53 -0.58
C HIS A 10 16.20 13.64 -1.81
N THR A 11 17.40 13.36 -2.31
CA THR A 11 17.60 12.62 -3.54
C THR A 11 18.31 11.31 -3.26
N CYS A 12 17.94 10.28 -4.02
CA CYS A 12 18.58 8.98 -3.90
C CYS A 12 20.05 9.08 -4.32
N ASP A 13 20.94 8.51 -3.50
CA ASP A 13 22.36 8.57 -3.77
C ASP A 13 22.81 7.53 -4.80
N TYR A 14 21.98 6.56 -5.14
CA TYR A 14 22.38 5.53 -6.10
C TYR A 14 22.61 6.15 -7.46
N ALA A 15 23.62 5.62 -8.17
CA ALA A 15 24.09 6.24 -9.40
C ALA A 15 22.97 6.34 -10.44
N GLY A 16 22.32 5.22 -10.74
CA GLY A 16 21.31 5.20 -11.78
C GLY A 16 19.97 5.78 -11.41
N CYS A 17 19.80 6.25 -10.17
CA CYS A 17 18.54 6.81 -9.72
C CYS A 17 18.71 8.30 -9.44
N GLY A 18 17.72 9.08 -9.88
CA GLY A 18 17.71 10.51 -9.63
C GLY A 18 16.44 10.97 -8.95
N LYS A 19 15.62 10.01 -8.52
CA LYS A 19 14.34 10.34 -7.89
C LYS A 19 14.57 11.23 -6.67
N THR A 20 13.72 12.24 -6.54
CA THR A 20 13.75 13.16 -5.41
C THR A 20 12.38 13.19 -4.75
N TYR A 21 12.37 13.28 -3.42
CA TYR A 21 11.14 13.27 -2.66
C TYR A 21 11.09 14.49 -1.75
N THR A 22 9.90 14.74 -1.19
CA THR A 22 9.71 15.89 -0.32
C THR A 22 10.24 15.62 1.09
N LYS A 23 9.68 14.60 1.75
CA LYS A 23 10.07 14.30 3.12
C LYS A 23 11.18 13.25 3.16
N SER A 24 11.88 13.21 4.29
CA SER A 24 12.94 12.22 4.46
C SER A 24 12.38 10.81 4.48
N SER A 25 11.26 10.61 5.18
CA SER A 25 10.66 9.28 5.27
C SER A 25 10.36 8.72 3.88
N HIS A 26 9.97 9.58 2.93
CA HIS A 26 9.73 9.13 1.57
C HIS A 26 10.99 8.53 0.96
N LEU A 27 12.11 9.24 1.08
CA LEU A 27 13.37 8.72 0.54
C LEU A 27 13.77 7.44 1.23
N LYS A 28 13.69 7.41 2.56
CA LYS A 28 14.00 6.19 3.31
C LYS A 28 13.26 4.99 2.71
N ALA A 29 11.97 5.15 2.42
CA ALA A 29 11.20 4.05 1.84
C ALA A 29 11.70 3.71 0.44
N HIS A 30 12.05 4.72 -0.34
CA HIS A 30 12.51 4.46 -1.71
C HIS A 30 13.79 3.64 -1.72
N LEU A 31 14.74 3.96 -0.83
CA LEU A 31 16.01 3.23 -0.80
C LEU A 31 15.80 1.74 -0.61
N ARG A 32 14.68 1.35 0.00
CA ARG A 32 14.40 -0.07 0.19
C ARG A 32 14.17 -0.79 -1.14
N THR A 33 13.79 -0.06 -2.18
CA THR A 33 13.67 -0.68 -3.51
C THR A 33 15.02 -1.12 -4.04
N HIS A 34 16.05 -0.29 -3.84
CA HIS A 34 17.39 -0.65 -4.28
C HIS A 34 17.96 -1.77 -3.42
N THR A 35 17.93 -1.59 -2.09
CA THR A 35 18.48 -2.60 -1.19
C THR A 35 17.66 -3.88 -1.18
N GLY A 36 16.39 -3.82 -1.55
CA GLY A 36 15.52 -4.97 -1.47
C GLY A 36 15.01 -5.28 -0.08
N GLU A 37 15.14 -4.34 0.86
CA GLU A 37 14.68 -4.57 2.22
C GLU A 37 13.16 -4.49 2.29
N LYS A 38 12.58 -5.28 3.18
CA LYS A 38 11.13 -5.34 3.37
C LYS A 38 10.83 -5.71 4.82
N PRO A 39 11.01 -4.76 5.75
CA PRO A 39 10.85 -5.09 7.17
C PRO A 39 9.44 -5.48 7.57
N TYR A 40 8.44 -5.19 6.74
CA TYR A 40 7.04 -5.38 7.11
C TYR A 40 6.56 -6.72 6.55
N HIS A 41 6.50 -7.73 7.41
CA HIS A 41 6.14 -9.09 7.03
C HIS A 41 4.69 -9.37 7.38
N CYS A 42 4.03 -10.16 6.55
CA CYS A 42 2.69 -10.66 6.83
C CYS A 42 2.80 -11.94 7.64
N ASP A 43 2.22 -11.93 8.84
CA ASP A 43 2.35 -13.03 9.78
C ASP A 43 1.26 -14.09 9.60
N TRP A 44 0.58 -14.11 8.46
CA TRP A 44 -0.49 -15.08 8.25
C TRP A 44 0.11 -16.48 8.14
N ASP A 45 -0.78 -17.48 8.03
CA ASP A 45 -0.35 -18.88 8.08
C ASP A 45 0.70 -19.17 7.01
N GLY A 46 0.33 -19.05 5.74
CA GLY A 46 1.23 -19.41 4.65
C GLY A 46 1.31 -18.35 3.57
N CYS A 47 1.21 -17.07 3.96
CA CYS A 47 1.25 -15.99 2.98
C CYS A 47 2.68 -15.69 2.55
N GLY A 48 3.54 -15.33 3.52
CA GLY A 48 4.92 -15.04 3.24
C GLY A 48 5.19 -13.73 2.53
N TRP A 49 4.16 -12.91 2.32
CA TRP A 49 4.36 -11.62 1.67
C TRP A 49 5.13 -10.67 2.59
N LYS A 50 5.94 -9.82 1.97
CA LYS A 50 6.69 -8.80 2.68
C LYS A 50 6.59 -7.50 1.89
N PHE A 51 6.62 -6.38 2.60
CA PHE A 51 6.45 -5.07 2.00
C PHE A 51 7.49 -4.11 2.53
N ALA A 52 7.84 -3.12 1.69
CA ALA A 52 8.85 -2.15 2.04
C ALA A 52 8.34 -1.09 3.00
N ARG A 53 7.03 -0.83 3.00
CA ARG A 53 6.44 0.21 3.84
C ARG A 53 5.23 -0.37 4.58
N SER A 54 4.62 0.46 5.43
CA SER A 54 3.59 -0.01 6.36
C SER A 54 2.25 -0.22 5.67
N ASP A 55 1.75 0.79 4.98
CA ASP A 55 0.37 0.77 4.53
C ASP A 55 0.02 -0.40 3.60
N PRO A 56 0.89 -0.86 2.70
CA PRO A 56 0.46 -1.99 1.84
C PRO A 56 0.34 -3.29 2.60
N LEU A 57 1.10 -3.46 3.69
CA LEU A 57 0.90 -4.64 4.55
C LEU A 57 -0.47 -4.59 5.22
N THR A 58 -0.82 -3.45 5.81
CA THR A 58 -2.16 -3.27 6.37
C THR A 58 -3.22 -3.53 5.32
N ARG A 59 -3.04 -2.95 4.13
CA ARG A 59 -3.98 -3.16 3.03
C ARG A 59 -4.05 -4.63 2.64
N HIS A 60 -2.88 -5.29 2.56
CA HIS A 60 -2.85 -6.71 2.22
C HIS A 60 -3.58 -7.53 3.27
N TYR A 61 -3.34 -7.24 4.55
CA TYR A 61 -3.91 -8.06 5.62
C TYR A 61 -5.43 -8.13 5.54
N ARG A 62 -6.06 -7.08 5.02
CA ARG A 62 -7.51 -7.09 4.87
C ARG A 62 -7.96 -8.19 3.92
N LYS A 63 -7.09 -8.60 3.00
CA LYS A 63 -7.40 -9.75 2.16
C LYS A 63 -7.57 -11.01 2.98
N HIS A 64 -6.90 -11.11 4.12
CA HIS A 64 -6.99 -12.27 5.00
C HIS A 64 -8.15 -12.18 5.96
N THR A 65 -8.42 -10.99 6.50
CA THR A 65 -9.40 -10.80 7.55
C THR A 65 -10.77 -10.37 7.03
N GLY A 66 -10.90 -10.13 5.74
CA GLY A 66 -12.17 -9.68 5.19
C GLY A 66 -12.62 -8.32 5.65
N HIS A 67 -11.73 -7.54 6.27
CA HIS A 67 -12.09 -6.22 6.77
C HIS A 67 -12.37 -5.28 5.59
N ARG A 68 -13.62 -4.85 5.46
CA ARG A 68 -14.07 -3.99 4.36
C ARG A 68 -14.64 -2.71 4.96
N PRO A 69 -13.78 -1.75 5.34
CA PRO A 69 -14.30 -0.55 6.01
C PRO A 69 -15.16 0.32 5.11
N PHE A 70 -14.81 0.43 3.83
CA PHE A 70 -15.44 1.40 2.93
C PHE A 70 -16.77 0.85 2.44
N GLN A 71 -17.86 1.51 2.85
CA GLN A 71 -19.20 1.08 2.52
C GLN A 71 -19.79 1.98 1.44
N CYS A 72 -20.57 1.38 0.54
CA CYS A 72 -21.26 2.14 -0.50
C CYS A 72 -22.60 2.64 0.03
N GLN A 73 -22.88 3.92 -0.20
CA GLN A 73 -24.10 4.53 0.33
C GLN A 73 -25.35 4.17 -0.48
N LYS A 74 -25.20 3.68 -1.70
CA LYS A 74 -26.36 3.31 -2.51
C LYS A 74 -26.72 1.83 -2.32
N CYS A 75 -25.79 0.94 -2.63
CA CYS A 75 -25.97 -0.50 -2.42
C CYS A 75 -25.12 -0.98 -1.26
N ASP A 76 -25.30 -2.25 -0.91
CA ASP A 76 -24.69 -2.82 0.29
C ASP A 76 -23.29 -3.37 0.03
N ARG A 77 -22.73 -3.17 -1.16
CA ARG A 77 -21.39 -3.66 -1.45
C ARG A 77 -20.36 -2.77 -0.77
N ALA A 78 -19.39 -3.39 -0.10
CA ALA A 78 -18.33 -2.69 0.59
C ALA A 78 -16.98 -3.22 0.12
N PHE A 79 -15.95 -2.39 0.27
CA PHE A 79 -14.62 -2.70 -0.24
C PHE A 79 -13.58 -2.38 0.83
N SER A 80 -12.41 -3.01 0.69
CA SER A 80 -11.31 -2.84 1.63
C SER A 80 -10.51 -1.57 1.37
N ARG A 81 -10.70 -0.93 0.21
CA ARG A 81 -9.88 0.21 -0.19
C ARG A 81 -10.77 1.34 -0.69
N SER A 82 -10.32 2.57 -0.43
CA SER A 82 -11.08 3.74 -0.88
C SER A 82 -11.12 3.82 -2.40
N ASP A 83 -10.02 3.44 -3.07
CA ASP A 83 -9.98 3.54 -4.52
C ASP A 83 -10.95 2.55 -5.17
N HIS A 84 -11.08 1.35 -4.59
CA HIS A 84 -12.06 0.39 -5.10
C HIS A 84 -13.47 0.95 -5.00
N LEU A 85 -13.81 1.55 -3.86
CA LEU A 85 -15.14 2.13 -3.69
C LEU A 85 -15.37 3.25 -4.70
N ALA A 86 -14.33 4.06 -4.98
CA ALA A 86 -14.48 5.17 -5.90
C ALA A 86 -14.86 4.67 -7.29
N LEU A 87 -14.15 3.66 -7.80
CA LEU A 87 -14.46 3.10 -9.10
C LEU A 87 -15.87 2.52 -9.13
N HIS A 88 -16.29 1.91 -8.02
CA HIS A 88 -17.63 1.32 -7.97
C HIS A 88 -18.72 2.37 -8.18
N MET A 89 -18.49 3.60 -7.73
CA MET A 89 -19.51 4.64 -7.84
C MET A 89 -19.85 4.95 -9.28
N LYS A 90 -18.95 4.67 -10.23
CA LYS A 90 -19.23 4.95 -11.63
C LYS A 90 -20.38 4.10 -12.15
N ARG A 91 -20.55 2.90 -11.61
CA ARG A 91 -21.67 2.05 -12.00
C ARG A 91 -23.00 2.54 -11.44
N HIS A 92 -23.00 3.65 -10.69
CA HIS A 92 -24.21 4.22 -10.14
C HIS A 92 -24.58 5.56 -10.76
N PHE A 93 -23.74 6.13 -11.61
CA PHE A 93 -24.03 7.40 -12.26
C PHE A 93 -25.31 7.30 -13.08
N1 5CM B 5 2.98 3.53 -4.48
C2 5CM B 5 1.73 4.12 -4.52
N3 5CM B 5 0.77 3.70 -3.68
C4 5CM B 5 1.02 2.72 -2.79
C5 5CM B 5 2.31 2.08 -2.71
C5A 5CM B 5 2.65 0.98 -1.74
C6 5CM B 5 3.23 2.53 -3.58
O2 5CM B 5 1.50 5.00 -5.32
N4 5CM B 5 -0.02 2.39 -1.98
C1' 5CM B 5 4.02 4.00 -5.43
C2' 5CM B 5 5.34 4.47 -4.84
C3' 5CM B 5 6.34 4.20 -5.96
C4' 5CM B 5 5.63 3.26 -6.91
O4' 5CM B 5 4.37 2.94 -6.31
O3' 5CM B 5 6.67 5.41 -6.66
C5' 5CM B 5 6.44 2.01 -7.21
O5' 5CM B 5 6.98 1.46 -6.01
P 5CM B 5 7.77 0.05 -6.10
OP1 5CM B 5 8.92 0.26 -6.99
OP2 5CM B 5 7.99 -0.45 -4.75
H5A1 5CM B 5 1.77 0.49 -1.42
H5A2 5CM B 5 3.15 1.39 -0.91
H5A3 5CM B 5 3.29 0.28 -2.21
H6 5CM B 5 4.21 2.08 -3.55
HN41 5CM B 5 0.07 1.67 -1.29
HN42 5CM B 5 -0.90 2.88 -2.09
H1' 5CM B 5 3.62 4.83 -6.02
H2' 5CM B 5 5.32 5.53 -4.61
H2'' 5CM B 5 5.61 3.91 -3.95
H3' 5CM B 5 7.24 3.73 -5.54
H4' 5CM B 5 5.45 3.79 -7.86
H5' 5CM B 5 7.25 2.26 -7.90
H5'' 5CM B 5 5.80 1.27 -7.71
N1 5CM C 5 -4.55 8.27 -0.22
C2 5CM C 5 -3.25 8.35 -0.67
N3 5CM C 5 -2.46 7.26 -0.62
C4 5CM C 5 -2.94 6.09 -0.13
C5 5CM C 5 -4.29 5.97 0.34
C5A 5CM C 5 -4.88 4.69 0.89
C6 5CM C 5 -5.04 7.08 0.27
O2 5CM C 5 -2.83 9.39 -1.11
N4 5CM C 5 -2.07 5.06 -0.13
C1' 5CM C 5 -5.41 9.46 -0.28
C2' 5CM C 5 -6.59 9.36 -1.23
C3' 5CM C 5 -7.81 9.83 -0.46
C4' 5CM C 5 -7.30 10.17 0.94
O4' 5CM C 5 -5.95 9.70 1.02
O3' 5CM C 5 -8.40 10.97 -1.07
C5' 5CM C 5 -8.15 9.52 2.01
O5' 5CM C 5 -8.17 8.10 1.77
P 5CM C 5 -8.95 7.10 2.77
OP1 5CM C 5 -10.33 7.58 2.89
OP2 5CM C 5 -8.67 5.74 2.35
H5A1 5CM C 5 -4.38 3.85 0.49
H5A2 5CM C 5 -4.80 4.68 1.95
H5A3 5CM C 5 -5.91 4.64 0.63
H6 5CM C 5 -6.06 7.04 0.62
HN41 5CM C 5 -2.34 4.15 0.22
HN42 5CM C 5 -1.13 5.20 -0.48
H1' 5CM C 5 -4.82 10.34 -0.59
H2' 5CM C 5 -6.44 10.00 -2.10
H2'' 5CM C 5 -6.73 8.33 -1.58
H3' 5CM C 5 -8.54 9.01 -0.40
H4' 5CM C 5 -7.33 11.26 1.07
H5' 5CM C 5 -9.17 9.91 1.98
H5'' 5CM C 5 -7.74 9.73 3.01
ZN ZN D . -22.93 0.69 -4.76
ZN ZN E . -0.64 -12.09 3.82
ZN ZN F . 16.89 5.37 -6.01
#